data_7M03
#
_entry.id   7M03
#
_cell.length_a   55.022
_cell.length_b   98.612
_cell.length_c   58.339
_cell.angle_alpha   90.000
_cell.angle_beta   107.400
_cell.angle_gamma   90.000
#
_symmetry.space_group_name_H-M   'P 1 21 1'
#
loop_
_entity.id
_entity.type
_entity.pdbx_description
1 polymer '3C-like proteinase'
2 non-polymer '(1R,2S)-2-((S)-2-((((3-fluorobenzyl)oxy)carbonyl)amino)-4-methylpentanamido)-1-hydroxy-3-((S)-2-oxopyrrolidin-3-yl)propane-1-sulfonic acid'
3 non-polymer '(1S,2S)-2-((S)-2-((((3-fluorobenzyl)oxy)carbonyl)amino)-4-methylpentanamido)-1-hydroxy-3-((S)-2-oxopyrrolidin-3-yl)propane-1-sulfonic acid'
4 water water
#
_entity_poly.entity_id   1
_entity_poly.type   'polypeptide(L)'
_entity_poly.pdbx_seq_one_letter_code
;SNIGSGFRKMAFPSGKVEGCMVQVTCGTTTLNGLWLDDVVYCPRHVICTSEDMLNPNYEDLLIRKSNHNFLVQAGNVQLR
VIGHSMQNCVLKLKVDTANPKTPKYKFVRIQPGQTFSVLACYNGSPSGVYQCAMRPNFTIKGSFLNGSCGSVGFNIDYDC
VSFCYMHHMELPTGVHAGTDLEGNFYGPFVDRQTAQAAGTDTTITVNVLAWLYAAVINGDRWFLNRFTTTLNDFNLVAMK
YNYEPLTQDHVDILGPLSAQTGIAVLDMCASLKELLQNGMNGRTILGSALLEDEFTPFDVVRQCSGVTF
;
_entity_poly.pdbx_strand_id   A,B
#
loop_
_chem_comp.id
_chem_comp.type
_chem_comp.name
_chem_comp.formula
YLD non-polymer '(1R,2S)-2-((S)-2-((((3-fluorobenzyl)oxy)carbonyl)amino)-4-methylpentanamido)-1-hydroxy-3-((S)-2-oxopyrrolidin-3-yl)propane-1-sulfonic acid' 'C21 H30 F N3 O8 S'
YLJ non-polymer '(1S,2S)-2-((S)-2-((((3-fluorobenzyl)oxy)carbonyl)amino)-4-methylpentanamido)-1-hydroxy-3-((S)-2-oxopyrrolidin-3-yl)propane-1-sulfonic acid' 'C21 H30 F N3 O8 S'
#
# COMPACT_ATOMS: atom_id res chain seq x y z
N ARG A 8 -1.63 7.20 3.40
CA ARG A 8 -0.50 7.50 4.27
C ARG A 8 0.36 6.27 4.60
N LYS A 9 -0.23 5.08 4.67
CA LYS A 9 0.54 3.86 4.93
C LYS A 9 1.24 3.41 3.65
N MET A 10 2.58 3.39 3.67
CA MET A 10 3.39 3.43 2.45
C MET A 10 4.39 2.30 2.42
N ALA A 11 4.39 1.55 1.32
CA ALA A 11 5.29 0.42 1.12
C ALA A 11 6.44 0.86 0.22
N PHE A 12 7.55 0.14 0.31
CA PHE A 12 8.63 0.39 -0.63
C PHE A 12 8.22 0.01 -2.05
N PRO A 13 8.77 0.68 -3.07
CA PRO A 13 8.59 0.21 -4.45
C PRO A 13 9.08 -1.23 -4.57
N SER A 14 8.28 -2.05 -5.22
CA SER A 14 8.50 -3.49 -5.23
C SER A 14 9.19 -4.02 -6.48
N GLY A 15 9.47 -3.16 -7.46
CA GLY A 15 10.06 -3.64 -8.71
C GLY A 15 11.27 -4.53 -8.56
N LYS A 16 12.20 -4.16 -7.69
CA LYS A 16 13.41 -4.97 -7.57
C LYS A 16 13.07 -6.37 -7.07
N VAL A 17 12.03 -6.51 -6.25
CA VAL A 17 11.64 -7.83 -5.76
C VAL A 17 10.86 -8.58 -6.82
N GLU A 18 9.98 -7.89 -7.56
CA GLU A 18 9.17 -8.57 -8.57
C GLU A 18 10.04 -9.36 -9.54
N GLY A 19 11.18 -8.79 -9.91
CA GLY A 19 12.09 -9.43 -10.83
C GLY A 19 12.80 -10.64 -10.26
N CYS A 20 12.48 -11.04 -9.03
CA CYS A 20 13.05 -12.24 -8.44
C CYS A 20 12.02 -13.33 -8.19
N MET A 21 10.75 -13.07 -8.44
CA MET A 21 9.72 -13.99 -8.01
C MET A 21 9.56 -15.06 -9.07
N VAL A 22 9.55 -16.32 -8.65
CA VAL A 22 9.30 -17.44 -9.54
C VAL A 22 8.29 -18.36 -8.88
N GLN A 23 7.79 -19.31 -9.67
CA GLN A 23 6.87 -20.35 -9.23
C GLN A 23 7.61 -21.66 -9.02
N VAL A 24 7.24 -22.38 -7.95
CA VAL A 24 7.91 -23.61 -7.55
C VAL A 24 6.84 -24.65 -7.30
N THR A 25 6.98 -25.82 -7.94
CA THR A 25 5.99 -26.87 -7.79
C THR A 25 6.69 -28.19 -7.50
N CYS A 26 6.05 -28.98 -6.65
CA CYS A 26 6.49 -30.31 -6.28
C CYS A 26 5.22 -31.12 -6.02
N GLY A 27 4.94 -32.09 -6.89
CA GLY A 27 3.72 -32.86 -6.73
C GLY A 27 2.53 -31.99 -7.04
N THR A 28 1.53 -31.99 -6.16
CA THR A 28 0.33 -31.17 -6.30
C THR A 28 0.41 -29.89 -5.48
N THR A 29 1.62 -29.48 -5.08
CA THR A 29 1.80 -28.29 -4.27
C THR A 29 2.55 -27.24 -5.07
N THR A 30 1.99 -26.04 -5.13
CA THR A 30 2.58 -24.92 -5.87
C THR A 30 2.63 -23.71 -4.95
N LEU A 31 3.79 -23.06 -4.91
CA LEU A 31 3.93 -21.83 -4.17
C LEU A 31 5.05 -21.03 -4.81
N ASN A 32 5.44 -19.94 -4.17
CA ASN A 32 6.38 -18.99 -4.76
C ASN A 32 7.79 -19.19 -4.23
N GLY A 33 8.76 -18.80 -5.06
CA GLY A 33 10.14 -18.78 -4.64
C GLY A 33 10.81 -17.46 -5.00
N LEU A 34 11.91 -17.21 -4.31
CA LEU A 34 12.71 -16.02 -4.52
C LEU A 34 14.00 -16.45 -5.22
N TRP A 35 14.27 -15.89 -6.39
CA TRP A 35 15.38 -16.29 -7.27
C TRP A 35 16.44 -15.21 -7.27
N LEU A 36 17.52 -15.45 -6.53
CA LEU A 36 18.66 -14.56 -6.44
C LEU A 36 19.91 -15.28 -6.95
N ASP A 37 20.63 -14.64 -7.89
CA ASP A 37 21.82 -15.26 -8.52
C ASP A 37 21.37 -16.63 -9.05
N ASP A 38 22.02 -17.73 -8.70
CA ASP A 38 21.63 -19.04 -9.23
C ASP A 38 21.01 -19.92 -8.14
N VAL A 39 20.29 -19.32 -7.20
CA VAL A 39 19.61 -20.08 -6.16
C VAL A 39 18.20 -19.56 -5.99
N VAL A 40 17.26 -20.48 -5.75
CA VAL A 40 15.86 -20.17 -5.50
C VAL A 40 15.52 -20.61 -4.09
N TYR A 41 14.94 -19.68 -3.32
CA TYR A 41 14.54 -19.92 -1.93
C TYR A 41 13.03 -20.07 -1.85
N CYS A 42 12.57 -21.04 -1.09
CA CYS A 42 11.13 -21.18 -0.93
C CYS A 42 10.87 -21.93 0.36
N PRO A 43 9.63 -21.93 0.82
CA PRO A 43 9.28 -22.70 2.01
C PRO A 43 9.44 -24.19 1.75
N ARG A 44 9.98 -24.89 2.74
CA ARG A 44 10.22 -26.31 2.52
C ARG A 44 8.93 -27.11 2.46
N HIS A 45 7.84 -26.64 3.07
CA HIS A 45 6.65 -27.50 3.09
C HIS A 45 6.09 -27.74 1.69
N VAL A 46 6.71 -27.15 0.66
CA VAL A 46 6.29 -27.48 -0.69
C VAL A 46 6.53 -28.96 -1.00
N ILE A 47 7.43 -29.63 -0.26
CA ILE A 47 7.71 -31.04 -0.57
C ILE A 47 6.69 -31.96 0.06
N CYS A 48 5.79 -31.44 0.88
CA CYS A 48 4.82 -32.28 1.57
C CYS A 48 3.65 -32.63 0.66
N THR A 49 3.00 -33.73 1.00
CA THR A 49 1.68 -34.10 0.51
C THR A 49 0.66 -33.87 1.63
N SER A 50 -0.60 -34.18 1.33
CA SER A 50 -1.64 -34.08 2.34
C SER A 50 -1.25 -34.87 3.59
N GLU A 51 -0.92 -36.14 3.41
CA GLU A 51 -0.58 -36.97 4.56
C GLU A 51 0.62 -36.41 5.32
N ASP A 52 1.63 -35.92 4.58
CA ASP A 52 2.87 -35.51 5.22
C ASP A 52 2.66 -34.32 6.16
N MET A 53 1.78 -33.38 5.77
CA MET A 53 1.78 -32.06 6.38
C MET A 53 1.41 -32.07 7.86
N LEU A 54 0.85 -33.17 8.38
CA LEU A 54 0.46 -33.20 9.78
C LEU A 54 1.65 -33.35 10.73
N ASN A 55 2.62 -34.20 10.39
CA ASN A 55 3.83 -34.36 11.19
C ASN A 55 4.98 -34.68 10.25
N PRO A 56 5.40 -33.70 9.45
CA PRO A 56 6.40 -33.97 8.41
C PRO A 56 7.78 -34.20 8.99
N ASN A 57 8.42 -35.28 8.59
CA ASN A 57 9.83 -35.50 8.91
C ASN A 57 10.64 -35.01 7.71
N TYR A 58 10.97 -33.72 7.75
CA TYR A 58 11.43 -33.02 6.55
C TYR A 58 12.74 -33.58 6.03
N GLU A 59 13.72 -33.79 6.90
CA GLU A 59 14.97 -34.40 6.44
C GLU A 59 14.69 -35.71 5.72
N ASP A 60 13.81 -36.51 6.30
CA ASP A 60 13.36 -37.75 5.69
C ASP A 60 12.71 -37.51 4.33
N LEU A 61 11.71 -36.60 4.27
CA LEU A 61 11.00 -36.37 3.01
C LEU A 61 11.94 -35.82 1.96
N LEU A 62 12.92 -35.02 2.38
CA LEU A 62 13.81 -34.36 1.44
C LEU A 62 14.78 -35.34 0.78
N ILE A 63 15.38 -36.25 1.55
CA ILE A 63 16.37 -37.15 0.96
C ILE A 63 15.71 -37.99 -0.14
N ARG A 64 14.40 -38.22 -0.04
CA ARG A 64 13.67 -39.06 -1.02
C ARG A 64 13.32 -38.26 -2.26
N LYS A 65 13.72 -37.00 -2.31
CA LYS A 65 13.37 -36.12 -3.42
C LYS A 65 14.51 -36.00 -4.41
N SER A 66 14.16 -35.92 -5.68
CA SER A 66 15.12 -35.78 -6.77
C SER A 66 15.07 -34.37 -7.33
N ASN A 67 16.23 -33.87 -7.75
CA ASN A 67 16.31 -32.59 -8.46
C ASN A 67 15.15 -32.39 -9.44
N HIS A 68 14.74 -33.44 -10.14
CA HIS A 68 13.74 -33.27 -11.19
C HIS A 68 12.30 -33.33 -10.67
N ASN A 69 12.09 -33.60 -9.37
CA ASN A 69 10.76 -33.48 -8.82
C ASN A 69 10.35 -32.03 -8.58
N PHE A 70 11.24 -31.08 -8.83
CA PHE A 70 11.00 -29.66 -8.58
C PHE A 70 10.84 -28.94 -9.91
N LEU A 71 9.62 -28.49 -10.21
CA LEU A 71 9.36 -27.68 -11.39
C LEU A 71 9.44 -26.21 -10.97
N VAL A 72 10.43 -25.49 -11.50
CA VAL A 72 10.55 -24.06 -11.28
C VAL A 72 10.23 -23.34 -12.58
N GLN A 73 9.33 -22.36 -12.51
CA GLN A 73 8.94 -21.59 -13.68
C GLN A 73 9.14 -20.11 -13.40
N ALA A 74 9.87 -19.43 -14.28
CA ALA A 74 9.98 -17.97 -14.28
C ALA A 74 9.22 -17.47 -15.51
N GLY A 75 7.94 -17.20 -15.31
CA GLY A 75 7.11 -16.79 -16.43
C GLY A 75 6.91 -17.96 -17.37
N ASN A 76 7.11 -17.70 -18.67
CA ASN A 76 6.98 -18.74 -19.67
C ASN A 76 8.04 -19.82 -19.53
N VAL A 77 9.15 -19.52 -18.85
CA VAL A 77 10.35 -20.34 -18.88
C VAL A 77 10.35 -21.31 -17.69
N GLN A 78 11.08 -22.42 -17.87
CA GLN A 78 11.35 -23.36 -16.81
C GLN A 78 12.85 -23.35 -16.55
N LEU A 79 13.22 -23.42 -15.28
CA LEU A 79 14.61 -23.40 -14.86
C LEU A 79 15.01 -24.78 -14.38
N ARG A 80 16.20 -25.21 -14.76
CA ARG A 80 16.66 -26.57 -14.46
C ARG A 80 17.27 -26.58 -13.08
N VAL A 81 16.67 -27.35 -12.17
CA VAL A 81 17.21 -27.56 -10.83
C VAL A 81 18.39 -28.52 -10.90
N ILE A 82 19.57 -28.07 -10.47
CA ILE A 82 20.78 -28.88 -10.51
C ILE A 82 21.31 -29.17 -9.10
N GLY A 83 20.47 -29.10 -8.08
CA GLY A 83 20.93 -29.30 -6.73
C GLY A 83 19.97 -28.69 -5.73
N HIS A 84 19.88 -29.28 -4.54
CA HIS A 84 18.93 -28.81 -3.54
C HIS A 84 19.50 -29.06 -2.16
N SER A 85 19.18 -28.14 -1.25
CA SER A 85 19.57 -28.27 0.14
C SER A 85 18.54 -27.55 1.00
N MET A 86 18.60 -27.82 2.28
CA MET A 86 17.62 -27.32 3.23
C MET A 86 18.34 -26.52 4.30
N GLN A 87 17.86 -25.30 4.56
CA GLN A 87 18.35 -24.50 5.67
C GLN A 87 17.16 -24.20 6.57
N ASN A 88 17.12 -24.86 7.72
CA ASN A 88 15.98 -24.81 8.62
C ASN A 88 14.71 -25.01 7.78
N CYS A 89 13.77 -24.07 7.83
CA CYS A 89 12.49 -24.24 7.15
C CYS A 89 12.48 -23.72 5.73
N VAL A 90 13.63 -23.37 5.14
CA VAL A 90 13.71 -22.89 3.76
CA VAL A 90 13.67 -22.92 3.75
C VAL A 90 14.45 -23.92 2.93
N LEU A 91 13.93 -24.16 1.73
CA LEU A 91 14.54 -25.04 0.76
C LEU A 91 15.28 -24.16 -0.24
N LYS A 92 16.56 -24.47 -0.47
CA LYS A 92 17.40 -23.76 -1.42
C LYS A 92 17.59 -24.64 -2.64
N LEU A 93 17.13 -24.16 -3.79
CA LEU A 93 17.22 -24.90 -5.04
C LEU A 93 18.25 -24.19 -5.93
N LYS A 94 19.37 -24.86 -6.19
CA LYS A 94 20.33 -24.33 -7.15
C LYS A 94 19.81 -24.62 -8.56
N VAL A 95 19.93 -23.64 -9.45
CA VAL A 95 19.54 -23.78 -10.84
C VAL A 95 20.72 -23.42 -11.73
N ASP A 96 20.59 -23.75 -13.01
CA ASP A 96 21.73 -23.60 -13.91
C ASP A 96 21.95 -22.14 -14.34
N THR A 97 20.90 -21.34 -14.48
CA THR A 97 21.05 -19.98 -14.96
C THR A 97 20.87 -18.96 -13.83
N ALA A 98 21.64 -17.88 -13.91
CA ALA A 98 21.57 -16.83 -12.91
C ALA A 98 20.50 -15.82 -13.30
N ASN A 99 19.84 -15.24 -12.27
CA ASN A 99 18.85 -14.19 -12.48
C ASN A 99 19.55 -12.89 -12.81
N PRO A 100 19.41 -12.38 -14.04
CA PRO A 100 20.05 -11.09 -14.35
C PRO A 100 19.45 -9.95 -13.56
N LYS A 101 18.17 -10.07 -13.17
CA LYS A 101 17.48 -9.01 -12.45
C LYS A 101 17.80 -9.03 -10.96
N THR A 102 18.74 -9.86 -10.52
CA THR A 102 19.09 -9.90 -9.11
C THR A 102 19.58 -8.53 -8.66
N PRO A 103 19.05 -7.98 -7.57
CA PRO A 103 19.59 -6.71 -7.08
C PRO A 103 20.61 -6.91 -5.98
N LYS A 104 21.31 -5.84 -5.62
CA LYS A 104 22.09 -5.85 -4.39
C LYS A 104 21.16 -6.19 -3.24
N TYR A 105 21.57 -7.13 -2.39
CA TYR A 105 20.68 -7.54 -1.30
C TYR A 105 21.48 -8.03 -0.11
N LYS A 106 20.73 -8.28 0.97
CA LYS A 106 21.22 -8.88 2.20
C LYS A 106 20.04 -9.55 2.88
N PHE A 107 20.35 -10.49 3.77
CA PHE A 107 19.35 -11.21 4.56
C PHE A 107 19.47 -10.69 5.99
N VAL A 108 18.34 -10.29 6.55
CA VAL A 108 18.34 -9.73 7.90
C VAL A 108 17.15 -10.30 8.65
N ARG A 109 17.31 -10.41 9.95
CA ARG A 109 16.25 -10.83 10.86
C ARG A 109 15.80 -9.59 11.60
N ILE A 110 14.56 -9.15 11.36
CA ILE A 110 14.10 -7.92 11.98
C ILE A 110 13.63 -8.19 13.39
N GLN A 111 13.65 -7.09 14.26
CA GLN A 111 13.12 -7.15 15.59
C GLN A 111 11.64 -6.80 15.59
N PRO A 112 10.86 -7.35 16.50
CA PRO A 112 9.47 -6.93 16.60
C PRO A 112 9.43 -5.43 16.82
N GLY A 113 8.41 -4.81 16.26
CA GLY A 113 8.28 -3.38 16.21
C GLY A 113 8.75 -2.77 14.92
N GLN A 114 9.66 -3.42 14.21
CA GLN A 114 10.16 -2.93 12.93
C GLN A 114 9.19 -3.28 11.80
N THR A 115 9.16 -2.43 10.79
CA THR A 115 8.22 -2.61 9.69
C THR A 115 8.94 -3.06 8.43
N PHE A 116 8.16 -3.57 7.48
CA PHE A 116 8.71 -4.05 6.23
C PHE A 116 7.57 -4.13 5.23
N SER A 117 7.93 -4.03 3.97
CA SER A 117 6.96 -4.18 2.90
C SER A 117 6.85 -5.64 2.50
N VAL A 118 5.63 -6.05 2.17
CA VAL A 118 5.35 -7.41 1.72
C VAL A 118 4.89 -7.35 0.28
N LEU A 119 5.42 -8.23 -0.55
CA LEU A 119 4.99 -8.41 -1.93
C LEU A 119 4.26 -9.73 -1.97
N ALA A 120 2.93 -9.66 -2.00
CA ALA A 120 2.11 -10.85 -2.03
C ALA A 120 2.11 -11.39 -3.45
N CYS A 121 2.43 -12.67 -3.58
CA CYS A 121 2.55 -13.34 -4.86
C CYS A 121 1.72 -14.61 -4.86
N TYR A 122 1.23 -14.98 -6.03
CA TYR A 122 0.46 -16.20 -6.21
C TYR A 122 0.92 -16.83 -7.51
N ASN A 123 1.32 -18.11 -7.46
CA ASN A 123 1.84 -18.82 -8.64
C ASN A 123 3.00 -18.05 -9.29
N GLY A 124 3.83 -17.43 -8.45
CA GLY A 124 4.99 -16.68 -8.91
C GLY A 124 4.70 -15.33 -9.54
N SER A 125 3.45 -14.88 -9.52
CA SER A 125 3.09 -13.60 -10.13
C SER A 125 2.72 -12.58 -9.06
N PRO A 126 3.38 -11.43 -9.01
CA PRO A 126 3.01 -10.39 -8.04
C PRO A 126 1.56 -9.95 -8.16
N SER A 127 0.92 -9.80 -6.99
CA SER A 127 -0.47 -9.36 -6.89
C SER A 127 -0.64 -8.06 -6.11
N GLY A 128 0.10 -7.87 -5.04
CA GLY A 128 -0.02 -6.62 -4.31
C GLY A 128 1.17 -6.37 -3.40
N VAL A 129 1.23 -5.16 -2.87
CA VAL A 129 2.28 -4.81 -1.94
C VAL A 129 1.68 -3.99 -0.83
N TYR A 130 2.14 -4.22 0.39
CA TYR A 130 1.60 -3.50 1.53
C TYR A 130 2.61 -3.53 2.65
N GLN A 131 2.38 -2.65 3.63
CA GLN A 131 3.27 -2.51 4.76
C GLN A 131 2.74 -3.30 5.95
N CYS A 132 3.67 -3.93 6.68
CA CYS A 132 3.38 -4.76 7.83
C CYS A 132 4.39 -4.41 8.90
N ALA A 133 4.10 -4.86 10.10
CA ALA A 133 5.06 -4.78 11.19
C ALA A 133 5.15 -6.14 11.85
N MET A 134 6.37 -6.50 12.23
CA MET A 134 6.59 -7.67 13.05
C MET A 134 5.98 -7.41 14.43
N ARG A 135 4.87 -8.07 14.74
CA ARG A 135 4.23 -7.90 16.03
C ARG A 135 5.15 -8.37 17.15
N PRO A 136 4.91 -7.91 18.38
CA PRO A 136 5.78 -8.35 19.48
C PRO A 136 5.62 -9.82 19.82
N ASN A 137 4.49 -10.44 19.49
CA ASN A 137 4.32 -11.88 19.62
C ASN A 137 4.73 -12.61 18.34
N PHE A 138 5.43 -11.92 17.43
CA PHE A 138 6.07 -12.51 16.25
C PHE A 138 5.10 -13.05 15.23
N THR A 139 3.86 -12.58 15.22
CA THR A 139 3.02 -12.76 14.05
C THR A 139 3.07 -11.50 13.20
N ILE A 140 2.44 -11.54 12.03
CA ILE A 140 2.21 -10.32 11.29
C ILE A 140 0.75 -10.31 10.82
N LYS A 141 0.20 -9.13 10.74
CA LYS A 141 -1.18 -8.97 10.30
C LYS A 141 -1.09 -8.74 8.80
N GLY A 142 -1.17 -9.83 8.05
CA GLY A 142 -1.04 -9.79 6.61
C GLY A 142 -2.36 -10.04 5.90
N SER A 143 -2.27 -9.97 4.59
CA SER A 143 -3.36 -10.33 3.68
C SER A 143 -2.73 -11.40 2.79
N PHE A 144 -2.85 -12.64 3.24
CA PHE A 144 -2.25 -13.79 2.56
C PHE A 144 -3.35 -14.83 2.41
N LEU A 145 -3.49 -15.38 1.22
CA LEU A 145 -4.43 -16.45 0.92
C LEU A 145 -3.70 -17.75 0.55
N ASN A 146 -4.46 -18.78 0.19
CA ASN A 146 -3.85 -19.99 -0.34
C ASN A 146 -2.97 -19.64 -1.53
N GLY A 147 -1.77 -20.19 -1.55
CA GLY A 147 -0.84 -19.99 -2.64
C GLY A 147 0.16 -18.87 -2.42
N SER A 148 0.00 -18.09 -1.35
CA SER A 148 0.89 -16.97 -1.07
C SER A 148 2.20 -17.39 -0.42
N CYS A 149 2.35 -18.65 0.01
CA CYS A 149 3.58 -19.04 0.66
C CYS A 149 4.78 -18.74 -0.25
N GLY A 150 5.88 -18.32 0.36
CA GLY A 150 7.05 -17.94 -0.39
C GLY A 150 7.10 -16.46 -0.74
N SER A 151 5.96 -15.77 -0.62
CA SER A 151 5.99 -14.31 -0.65
C SER A 151 6.93 -13.79 0.41
N VAL A 152 7.60 -12.69 0.12
CA VAL A 152 8.66 -12.20 0.99
C VAL A 152 8.37 -10.79 1.41
N GLY A 153 8.92 -10.45 2.58
CA GLY A 153 8.91 -9.10 3.12
C GLY A 153 10.32 -8.51 3.09
N PHE A 154 10.41 -7.19 2.98
CA PHE A 154 11.70 -6.58 2.74
C PHE A 154 11.68 -5.10 3.04
N ASN A 155 12.88 -4.55 3.21
CA ASN A 155 13.14 -3.12 3.24
C ASN A 155 14.17 -2.79 2.17
N ILE A 156 14.21 -1.50 1.80
CA ILE A 156 15.13 -1.02 0.75
C ILE A 156 15.90 0.16 1.31
N ASP A 157 17.23 0.05 1.37
CA ASP A 157 18.12 1.12 1.81
C ASP A 157 19.06 1.44 0.67
N TYR A 158 19.00 2.69 0.18
CA TYR A 158 19.74 3.11 -1.00
C TYR A 158 19.40 2.19 -2.16
N ASP A 159 20.38 1.42 -2.64
CA ASP A 159 20.17 0.49 -3.73
C ASP A 159 20.15 -0.97 -3.26
N CYS A 160 19.95 -1.20 -1.96
CA CYS A 160 20.10 -2.53 -1.37
C CYS A 160 18.79 -3.01 -0.75
N VAL A 161 18.37 -4.21 -1.14
CA VAL A 161 17.16 -4.83 -0.64
C VAL A 161 17.51 -5.73 0.53
N SER A 162 16.95 -5.44 1.69
CA SER A 162 17.11 -6.31 2.84
C SER A 162 15.89 -7.20 2.93
N PHE A 163 16.09 -8.49 2.69
CA PHE A 163 15.01 -9.45 2.87
C PHE A 163 14.94 -9.87 4.33
N CYS A 164 13.75 -9.73 4.91
CA CYS A 164 13.58 -10.10 6.30
C CYS A 164 12.49 -11.14 6.55
N TYR A 165 11.68 -11.49 5.56
CA TYR A 165 10.55 -12.35 5.86
C TYR A 165 10.17 -13.20 4.66
N MET A 166 9.71 -14.42 4.95
CA MET A 166 9.18 -15.33 3.94
C MET A 166 7.96 -15.99 4.56
N HIS A 167 6.87 -16.01 3.83
CA HIS A 167 5.59 -16.38 4.41
C HIS A 167 5.32 -17.89 4.38
N HIS A 168 4.83 -18.44 5.51
CA HIS A 168 4.57 -19.89 5.57
C HIS A 168 3.16 -20.33 5.99
N MET A 169 2.47 -19.57 6.81
CA MET A 169 1.20 -20.08 7.32
C MET A 169 0.31 -18.99 7.89
N GLU A 170 -0.97 -19.36 8.07
CA GLU A 170 -1.97 -18.50 8.71
C GLU A 170 -2.42 -19.15 9.99
N LEU A 171 -2.50 -18.40 11.05
CA LEU A 171 -3.02 -19.00 12.28
C LEU A 171 -4.54 -18.91 12.29
N PRO A 172 -5.19 -19.75 13.12
CA PRO A 172 -6.66 -19.75 13.16
C PRO A 172 -7.28 -18.38 13.41
N THR A 173 -6.58 -17.47 14.12
CA THR A 173 -7.07 -16.14 14.41
C THR A 173 -7.00 -15.21 13.20
N GLY A 174 -6.37 -15.62 12.10
CA GLY A 174 -6.32 -14.84 10.89
C GLY A 174 -5.03 -14.08 10.71
N VAL A 175 -4.15 -14.08 11.71
CA VAL A 175 -2.83 -13.49 11.56
C VAL A 175 -1.91 -14.52 10.92
N HIS A 176 -0.68 -14.12 10.62
CA HIS A 176 0.19 -14.93 9.78
C HIS A 176 1.57 -15.11 10.41
N ALA A 177 2.30 -16.11 9.91
CA ALA A 177 3.60 -16.40 10.50
C ALA A 177 4.56 -16.88 9.42
N GLY A 178 5.82 -16.69 9.72
CA GLY A 178 6.82 -16.97 8.73
C GLY A 178 8.21 -16.97 9.32
N THR A 179 9.20 -17.01 8.41
CA THR A 179 10.58 -17.19 8.77
C THR A 179 11.41 -16.05 8.20
N ASP A 180 12.65 -15.97 8.65
CA ASP A 180 13.59 -15.11 7.97
C ASP A 180 14.12 -15.87 6.76
N LEU A 181 15.06 -15.28 6.03
CA LEU A 181 15.54 -15.97 4.86
C LEU A 181 16.59 -17.02 5.20
N GLU A 182 16.97 -17.13 6.47
CA GLU A 182 17.71 -18.28 6.94
C GLU A 182 16.81 -19.45 7.30
N GLY A 183 15.49 -19.29 7.20
CA GLY A 183 14.55 -20.38 7.49
C GLY A 183 14.13 -20.54 8.93
N ASN A 184 14.54 -19.63 9.82
CA ASN A 184 14.16 -19.65 11.21
C ASN A 184 12.86 -18.88 11.42
N PHE A 185 11.88 -19.52 12.04
CA PHE A 185 10.62 -18.84 12.30
C PHE A 185 10.81 -17.62 13.19
N TYR A 186 10.01 -16.60 12.93
CA TYR A 186 9.66 -15.63 13.94
C TYR A 186 8.58 -16.25 14.83
N GLY A 187 8.82 -16.31 16.12
CA GLY A 187 7.84 -16.82 17.04
C GLY A 187 7.94 -18.31 17.29
N PRO A 188 7.02 -18.81 18.09
CA PRO A 188 7.06 -20.19 18.52
C PRO A 188 6.40 -21.15 17.55
N PHE A 189 6.35 -20.80 16.28
CA PHE A 189 5.54 -21.56 15.35
C PHE A 189 6.38 -22.63 14.64
N VAL A 190 5.66 -23.55 14.02
CA VAL A 190 6.24 -24.71 13.35
C VAL A 190 5.50 -24.91 12.04
N ASP A 191 6.22 -25.38 11.03
CA ASP A 191 5.63 -25.57 9.70
C ASP A 191 5.06 -26.99 9.57
N ARG A 192 4.01 -27.20 10.36
CA ARG A 192 3.14 -28.36 10.27
C ARG A 192 1.69 -27.90 10.24
N GLN A 193 0.83 -28.72 9.64
CA GLN A 193 -0.58 -28.37 9.45
C GLN A 193 -1.35 -28.58 10.76
N THR A 194 -1.12 -27.69 11.72
CA THR A 194 -1.83 -27.72 13.00
C THR A 194 -2.32 -26.32 13.35
N ALA A 195 -3.41 -26.27 14.11
CA ALA A 195 -3.88 -25.00 14.65
C ALA A 195 -2.91 -24.54 15.73
N GLN A 196 -2.30 -23.39 15.52
CA GLN A 196 -1.35 -22.84 16.47
C GLN A 196 -1.79 -21.47 16.94
N ALA A 197 -1.48 -21.20 18.21
CA ALA A 197 -1.85 -19.97 18.88
C ALA A 197 -0.58 -19.24 19.28
N ALA A 198 -0.62 -17.92 19.18
CA ALA A 198 0.52 -17.09 19.54
C ALA A 198 0.42 -16.65 20.99
N GLY A 199 1.50 -16.09 21.49
CA GLY A 199 1.44 -15.39 22.76
C GLY A 199 0.55 -14.17 22.67
N THR A 200 0.10 -13.70 23.82
CA THR A 200 -0.75 -12.51 23.83
C THR A 200 0.01 -11.34 23.21
N ASP A 201 -0.62 -10.71 22.24
CA ASP A 201 0.02 -9.61 21.53
C ASP A 201 -0.07 -8.33 22.32
N THR A 202 0.95 -7.50 22.16
CA THR A 202 1.02 -6.19 22.77
C THR A 202 1.15 -5.12 21.69
N THR A 203 0.94 -3.89 22.08
CA THR A 203 0.96 -2.79 21.15
C THR A 203 2.34 -2.15 21.12
N ILE A 204 2.78 -1.76 19.92
CA ILE A 204 4.13 -1.21 19.73
C ILE A 204 4.11 0.26 20.12
N THR A 205 4.52 0.55 21.36
CA THR A 205 4.34 1.88 21.94
C THR A 205 5.11 2.93 21.16
N VAL A 206 6.40 2.70 20.91
CA VAL A 206 7.17 3.74 20.23
C VAL A 206 6.53 4.07 18.90
N ASN A 207 5.82 3.13 18.30
CA ASN A 207 5.18 3.40 17.02
C ASN A 207 3.90 4.20 17.19
N VAL A 208 3.12 3.92 18.23
CA VAL A 208 1.96 4.76 18.51
C VAL A 208 2.43 6.18 18.70
N LEU A 209 3.56 6.35 19.38
CA LEU A 209 4.08 7.67 19.65
C LEU A 209 4.49 8.36 18.35
N ALA A 210 5.24 7.65 17.51
CA ALA A 210 5.63 8.21 16.22
C ALA A 210 4.39 8.64 15.45
N TRP A 211 3.34 7.83 15.49
CA TRP A 211 2.12 8.14 14.76
C TRP A 211 1.40 9.35 15.35
N LEU A 212 1.33 9.45 16.69
CA LEU A 212 0.75 10.65 17.28
C LEU A 212 1.49 11.90 16.81
N TYR A 213 2.84 11.87 16.86
CA TYR A 213 3.60 12.98 16.29
C TYR A 213 3.21 13.24 14.85
N ALA A 214 3.05 12.18 14.07
CA ALA A 214 2.61 12.35 12.68
C ALA A 214 1.28 13.09 12.61
N ALA A 215 0.36 12.81 13.53
CA ALA A 215 -0.94 13.49 13.47
C ALA A 215 -0.76 14.98 13.73
N VAL A 216 0.14 15.33 14.67
CA VAL A 216 0.47 16.73 14.92
C VAL A 216 1.03 17.37 13.66
N ILE A 217 2.09 16.78 13.09
CA ILE A 217 2.70 17.30 11.87
C ILE A 217 1.64 17.61 10.82
N ASN A 218 0.59 16.80 10.75
CA ASN A 218 -0.50 17.00 9.80
C ASN A 218 -1.67 17.81 10.37
N GLY A 219 -1.41 18.66 11.38
CA GLY A 219 -2.39 19.62 11.84
C GLY A 219 -3.47 19.10 12.76
N ASP A 220 -3.26 17.95 13.39
CA ASP A 220 -4.25 17.30 14.23
C ASP A 220 -3.65 17.21 15.63
N ARG A 221 -4.32 17.81 16.63
CA ARG A 221 -3.70 17.85 17.95
C ARG A 221 -4.71 17.93 19.10
N TRP A 222 -5.91 17.37 18.93
CA TRP A 222 -6.93 17.49 19.96
C TRP A 222 -6.66 16.62 21.18
N PHE A 223 -5.74 15.66 21.09
CA PHE A 223 -5.41 14.73 22.17
C PHE A 223 -4.24 15.20 23.02
N LEU A 224 -3.51 16.23 22.58
CA LEU A 224 -2.42 16.78 23.37
C LEU A 224 -2.94 17.30 24.72
N ASN A 225 -2.03 17.41 25.68
CA ASN A 225 -2.39 17.97 26.96
C ASN A 225 -1.18 18.68 27.54
N ARG A 226 -1.44 19.52 28.54
CA ARG A 226 -0.36 20.24 29.22
C ARG A 226 0.38 19.35 30.20
N PHE A 227 -0.23 18.25 30.62
CA PHE A 227 0.35 17.32 31.59
C PHE A 227 1.69 16.76 31.10
N THR A 228 2.39 16.11 32.03
CA THR A 228 3.68 15.50 31.75
C THR A 228 3.79 14.24 32.62
N THR A 229 4.79 13.41 32.32
CA THR A 229 4.98 12.16 33.04
C THR A 229 6.44 11.79 33.06
N THR A 230 6.80 10.93 34.01
CA THR A 230 8.10 10.30 33.98
C THR A 230 8.05 9.09 33.06
N LEU A 231 9.25 8.61 32.72
CA LEU A 231 9.33 7.45 31.84
C LEU A 231 8.85 6.20 32.56
N ASN A 232 9.21 6.06 33.84
CA ASN A 232 8.81 4.86 34.57
C ASN A 232 7.30 4.86 34.79
N ASP A 233 6.76 5.99 35.20
CA ASP A 233 5.31 6.07 35.45
C ASP A 233 4.53 5.90 34.16
N PHE A 234 5.06 6.36 33.03
CA PHE A 234 4.39 6.06 31.77
C PHE A 234 4.41 4.56 31.50
N ASN A 235 5.57 3.93 31.68
CA ASN A 235 5.68 2.50 31.40
C ASN A 235 4.80 1.68 32.32
N LEU A 236 4.61 2.14 33.56
CA LEU A 236 3.67 1.43 34.44
C LEU A 236 2.29 1.39 33.82
N VAL A 237 1.82 2.54 33.31
CA VAL A 237 0.48 2.57 32.73
C VAL A 237 0.47 1.78 31.43
N ALA A 238 1.55 1.91 30.64
CA ALA A 238 1.63 1.22 29.37
C ALA A 238 1.48 -0.27 29.57
N MET A 239 2.27 -0.84 30.47
CA MET A 239 2.21 -2.27 30.72
C MET A 239 0.84 -2.70 31.20
N LYS A 240 0.16 -1.83 31.96
CA LYS A 240 -1.17 -2.14 32.47
C LYS A 240 -2.14 -2.38 31.32
N TYR A 241 -2.03 -1.59 30.26
CA TYR A 241 -2.88 -1.71 29.09
C TYR A 241 -2.26 -2.56 27.96
N ASN A 242 -1.27 -3.40 28.27
CA ASN A 242 -0.66 -4.28 27.28
C ASN A 242 -0.01 -3.49 26.14
N TYR A 243 0.62 -2.38 26.49
CA TYR A 243 1.54 -1.69 25.61
C TYR A 243 2.96 -2.09 26.01
N GLU A 244 3.85 -2.17 25.01
CA GLU A 244 5.26 -2.37 25.28
C GLU A 244 5.83 -1.22 26.12
N PRO A 245 6.79 -1.50 26.99
CA PRO A 245 7.45 -0.38 27.66
C PRO A 245 8.32 0.38 26.68
N LEU A 246 8.57 1.63 27.01
CA LEU A 246 9.38 2.52 26.19
C LEU A 246 10.79 2.52 26.77
N THR A 247 11.76 2.21 25.93
CA THR A 247 13.17 2.27 26.32
C THR A 247 13.70 3.68 26.08
N GLN A 248 14.87 3.97 26.66
CA GLN A 248 15.50 5.26 26.37
C GLN A 248 16.03 5.33 24.95
N ASP A 249 16.38 4.19 24.34
CA ASP A 249 16.67 4.20 22.90
C ASP A 249 15.43 4.62 22.12
N HIS A 250 14.26 4.09 22.49
CA HIS A 250 13.02 4.52 21.89
C HIS A 250 12.82 6.03 22.02
N VAL A 251 13.11 6.59 23.19
CA VAL A 251 12.99 8.04 23.36
C VAL A 251 13.96 8.79 22.45
N ASP A 252 15.22 8.34 22.44
CA ASP A 252 16.23 8.95 21.56
C ASP A 252 15.74 8.98 20.12
N ILE A 253 15.14 7.86 19.68
CA ILE A 253 14.74 7.70 18.30
C ILE A 253 13.62 8.67 17.96
N LEU A 254 12.78 8.98 18.92
CA LEU A 254 11.71 9.94 18.71
C LEU A 254 12.19 11.36 18.69
N GLY A 255 13.50 11.56 18.89
CA GLY A 255 14.11 12.86 18.97
C GLY A 255 13.75 13.77 17.81
N PRO A 256 14.20 13.40 16.60
CA PRO A 256 13.86 14.21 15.42
C PRO A 256 12.41 14.66 15.40
N LEU A 257 11.51 13.74 15.74
CA LEU A 257 10.09 14.06 15.73
C LEU A 257 9.74 15.01 16.85
N SER A 258 10.38 14.82 18.01
CA SER A 258 10.25 15.80 19.08
C SER A 258 10.64 17.17 18.56
N ALA A 259 11.87 17.29 18.08
CA ALA A 259 12.38 18.57 17.56
C ALA A 259 11.39 19.21 16.59
N GLN A 260 11.03 18.46 15.54
CA GLN A 260 10.26 19.05 14.46
C GLN A 260 8.95 19.65 14.93
N THR A 261 8.34 19.09 15.98
CA THR A 261 7.06 19.58 16.49
C THR A 261 7.17 20.40 17.75
N GLY A 262 8.33 20.40 18.41
CA GLY A 262 8.44 21.06 19.70
C GLY A 262 7.64 20.44 20.82
N ILE A 263 7.45 19.12 20.78
CA ILE A 263 6.72 18.41 21.82
C ILE A 263 7.64 17.33 22.35
N ALA A 264 8.04 17.45 23.61
CA ALA A 264 9.00 16.52 24.18
C ALA A 264 8.38 15.13 24.26
N VAL A 265 9.24 14.12 24.18
CA VAL A 265 8.74 12.76 24.11
C VAL A 265 7.79 12.49 25.28
N LEU A 266 8.17 12.90 26.47
CA LEU A 266 7.38 12.56 27.65
C LEU A 266 6.07 13.33 27.69
N ASP A 267 6.02 14.50 27.06
CA ASP A 267 4.75 15.19 26.87
C ASP A 267 3.80 14.33 26.04
N MET A 268 4.30 13.80 24.92
CA MET A 268 3.50 12.91 24.10
C MET A 268 3.12 11.65 24.87
N CYS A 269 4.07 11.08 25.63
CA CYS A 269 3.71 9.94 26.49
C CYS A 269 2.55 10.28 27.41
N ALA A 270 2.55 11.51 27.96
CA ALA A 270 1.46 11.94 28.82
C ALA A 270 0.16 12.02 28.04
N SER A 271 0.21 12.51 26.80
CA SER A 271 -0.99 12.55 25.97
C SER A 271 -1.47 11.13 25.68
N LEU A 272 -0.55 10.22 25.38
CA LEU A 272 -0.92 8.84 25.14
C LEU A 272 -1.50 8.21 26.40
N LYS A 273 -1.01 8.58 27.57
CA LYS A 273 -1.55 8.01 28.80
C LYS A 273 -3.01 8.42 28.99
N GLU A 274 -3.33 9.69 28.70
CA GLU A 274 -4.72 10.12 28.81
C GLU A 274 -5.60 9.36 27.83
N LEU A 275 -5.13 9.19 26.59
CA LEU A 275 -5.87 8.41 25.59
C LEU A 275 -6.14 6.99 26.09
N LEU A 276 -5.15 6.34 26.70
CA LEU A 276 -5.36 4.97 27.18
C LEU A 276 -6.39 4.91 28.29
N GLN A 277 -6.35 5.84 29.23
CA GLN A 277 -7.23 5.75 30.37
C GLN A 277 -8.64 6.26 30.05
N ASN A 278 -8.75 7.24 29.15
CA ASN A 278 -10.03 7.83 28.76
C ASN A 278 -10.62 7.17 27.53
N GLY A 279 -9.86 7.12 26.45
CA GLY A 279 -10.35 6.72 25.15
C GLY A 279 -10.43 7.91 24.21
N MET A 280 -10.92 7.64 23.01
CA MET A 280 -11.04 8.67 21.99
C MET A 280 -12.40 9.35 21.99
N ASN A 281 -13.40 8.73 22.62
CA ASN A 281 -14.68 9.39 22.91
C ASN A 281 -15.34 9.92 21.63
N GLY A 282 -15.33 9.09 20.60
CA GLY A 282 -15.90 9.41 19.31
C GLY A 282 -14.88 10.00 18.35
N ARG A 283 -14.02 10.88 18.86
CA ARG A 283 -13.02 11.54 18.03
C ARG A 283 -12.19 10.51 17.27
N THR A 284 -11.40 10.97 16.31
CA THR A 284 -10.48 10.11 15.57
C THR A 284 -9.18 10.85 15.36
N ILE A 285 -8.16 10.10 14.94
CA ILE A 285 -6.82 10.62 14.74
C ILE A 285 -6.31 10.11 13.40
N LEU A 286 -5.90 11.04 12.53
CA LEU A 286 -5.51 10.71 11.17
C LEU A 286 -6.51 9.75 10.51
N GLY A 287 -7.79 9.84 10.90
CA GLY A 287 -8.85 9.06 10.33
C GLY A 287 -9.21 7.80 11.10
N SER A 288 -8.32 7.30 11.94
CA SER A 288 -8.56 6.07 12.68
C SER A 288 -9.27 6.33 13.99
N ALA A 289 -10.12 5.39 14.38
CA ALA A 289 -10.70 5.35 15.71
C ALA A 289 -9.91 4.51 16.70
N LEU A 290 -8.78 3.96 16.28
CA LEU A 290 -7.94 3.14 17.14
C LEU A 290 -6.51 3.64 16.99
N LEU A 291 -5.71 3.39 18.01
CA LEU A 291 -4.33 3.87 18.00
C LEU A 291 -3.51 2.96 17.10
N GLU A 292 -2.88 3.54 16.09
CA GLU A 292 -2.16 2.79 15.07
C GLU A 292 -0.70 2.57 15.51
N ASP A 293 -0.21 1.32 15.41
CA ASP A 293 1.12 1.01 15.90
C ASP A 293 2.02 0.34 14.86
N GLU A 294 1.73 0.50 13.56
CA GLU A 294 2.61 -0.05 12.53
C GLU A 294 3.27 1.04 11.67
N PHE A 295 3.48 2.23 12.25
CA PHE A 295 4.34 3.26 11.69
C PHE A 295 5.51 3.46 12.63
N THR A 296 6.71 3.14 12.18
CA THR A 296 7.88 3.40 13.02
C THR A 296 8.23 4.89 13.00
N PRO A 297 9.14 5.32 13.88
CA PRO A 297 9.65 6.69 13.76
C PRO A 297 10.27 6.97 12.41
N PHE A 298 11.07 6.04 11.89
CA PHE A 298 11.72 6.24 10.60
C PHE A 298 10.68 6.34 9.49
N ASP A 299 9.67 5.48 9.52
CA ASP A 299 8.61 5.55 8.53
C ASP A 299 8.01 6.95 8.50
N VAL A 300 7.55 7.42 9.65
CA VAL A 300 6.90 8.73 9.71
C VAL A 300 7.83 9.80 9.17
N VAL A 301 9.10 9.78 9.60
CA VAL A 301 10.05 10.80 9.14
C VAL A 301 10.15 10.78 7.62
N ARG A 302 10.54 9.63 7.06
CA ARG A 302 10.77 9.53 5.62
C ARG A 302 9.60 10.09 4.82
N GLN A 303 8.39 10.00 5.35
CA GLN A 303 7.20 10.44 4.64
C GLN A 303 6.81 11.88 4.93
N CYS A 304 7.48 12.55 5.89
CA CYS A 304 7.15 13.94 6.22
C CYS A 304 8.29 14.91 5.87
N PHE B 7 -8.84 -6.53 6.67
CA PHE B 7 -8.53 -5.79 5.45
C PHE B 7 -7.58 -4.63 5.67
N ARG B 8 -6.65 -4.46 4.74
CA ARG B 8 -5.72 -3.34 4.74
C ARG B 8 -5.64 -2.74 3.35
N LYS B 9 -5.19 -1.49 3.29
CA LYS B 9 -4.91 -0.85 2.01
C LYS B 9 -3.79 -1.62 1.31
N MET B 10 -4.09 -2.12 0.10
CA MET B 10 -3.20 -2.96 -0.67
C MET B 10 -2.94 -2.32 -2.02
N ALA B 11 -1.69 -2.07 -2.33
CA ALA B 11 -1.30 -1.43 -3.57
C ALA B 11 -0.94 -2.46 -4.62
N PHE B 12 -1.02 -2.06 -5.88
CA PHE B 12 -0.51 -2.91 -6.92
C PHE B 12 1.01 -2.88 -6.89
N PRO B 13 1.65 -3.97 -7.30
CA PRO B 13 3.10 -3.94 -7.39
C PRO B 13 3.50 -2.85 -8.39
N SER B 14 4.57 -2.15 -8.07
CA SER B 14 4.89 -0.92 -8.79
C SER B 14 5.96 -1.06 -9.86
N GLY B 15 6.53 -2.25 -10.02
CA GLY B 15 7.70 -2.42 -10.89
C GLY B 15 7.45 -2.00 -12.33
N LYS B 16 6.26 -2.25 -12.84
CA LYS B 16 5.95 -1.85 -14.22
C LYS B 16 5.90 -0.34 -14.37
N VAL B 17 5.59 0.40 -13.31
CA VAL B 17 5.57 1.86 -13.37
C VAL B 17 6.94 2.43 -13.04
N GLU B 18 7.64 1.80 -12.10
CA GLU B 18 9.02 2.19 -11.84
C GLU B 18 9.83 2.29 -13.13
N GLY B 19 9.68 1.32 -14.03
CA GLY B 19 10.44 1.29 -15.27
C GLY B 19 10.04 2.35 -16.27
N CYS B 20 9.10 3.23 -15.92
CA CYS B 20 8.63 4.30 -16.78
C CYS B 20 8.89 5.69 -16.20
N MET B 21 9.44 5.80 -15.01
CA MET B 21 9.58 7.09 -14.37
C MET B 21 10.88 7.74 -14.81
N VAL B 22 10.79 9.01 -15.22
CA VAL B 22 11.95 9.83 -15.52
C VAL B 22 11.79 11.19 -14.87
N GLN B 23 12.82 12.03 -14.98
CA GLN B 23 12.75 13.39 -14.48
C GLN B 23 12.86 14.35 -15.65
N VAL B 24 12.12 15.46 -15.55
CA VAL B 24 12.06 16.50 -16.56
C VAL B 24 12.42 17.80 -15.90
N THR B 25 13.35 18.53 -16.49
CA THR B 25 13.81 19.76 -15.87
C THR B 25 13.79 20.90 -16.89
N CYS B 26 13.27 22.04 -16.43
CA CYS B 26 13.36 23.32 -17.09
C CYS B 26 14.04 24.29 -16.12
N GLY B 27 15.24 24.71 -16.46
CA GLY B 27 16.00 25.59 -15.58
C GLY B 27 16.37 24.86 -14.33
N THR B 28 15.85 25.34 -13.19
CA THR B 28 16.02 24.67 -11.90
C THR B 28 14.79 23.87 -11.47
N THR B 29 13.69 23.97 -12.21
CA THR B 29 12.45 23.27 -11.86
C THR B 29 12.51 21.83 -12.34
N THR B 30 12.51 20.88 -11.40
CA THR B 30 12.55 19.45 -11.71
C THR B 30 11.30 18.78 -11.17
N LEU B 31 10.57 18.06 -12.02
CA LEU B 31 9.51 17.16 -11.58
C LEU B 31 9.61 15.87 -12.39
N ASN B 32 8.69 14.96 -12.10
CA ASN B 32 8.71 13.62 -12.68
C ASN B 32 7.91 13.57 -13.97
N GLY B 33 8.31 12.64 -14.84
CA GLY B 33 7.60 12.39 -16.07
C GLY B 33 7.39 10.90 -16.25
N LEU B 34 6.46 10.56 -17.15
CA LEU B 34 6.13 9.17 -17.45
C LEU B 34 6.57 8.87 -18.89
N TRP B 35 7.50 7.94 -19.04
CA TRP B 35 8.13 7.61 -20.33
C TRP B 35 7.53 6.34 -20.87
N LEU B 36 6.74 6.47 -21.94
CA LEU B 36 6.07 5.34 -22.58
C LEU B 36 6.34 5.38 -24.07
N ASP B 37 6.86 4.28 -24.61
CA ASP B 37 7.33 4.27 -25.99
C ASP B 37 8.25 5.48 -26.13
N ASP B 38 8.07 6.35 -27.13
CA ASP B 38 8.97 7.49 -27.32
C ASP B 38 8.33 8.81 -26.90
N VAL B 39 7.47 8.77 -25.89
CA VAL B 39 6.84 9.97 -25.37
C VAL B 39 7.04 10.06 -23.87
N VAL B 40 7.38 11.28 -23.42
CA VAL B 40 7.43 11.59 -22.00
C VAL B 40 6.30 12.57 -21.67
N TYR B 41 5.50 12.18 -20.68
CA TYR B 41 4.34 12.94 -20.23
C TYR B 41 4.66 13.57 -18.88
N CYS B 42 4.41 14.86 -18.72
CA CYS B 42 4.63 15.50 -17.43
C CYS B 42 3.70 16.70 -17.28
N PRO B 43 3.56 17.24 -16.07
CA PRO B 43 2.76 18.45 -15.87
C PRO B 43 3.39 19.64 -16.56
N ARG B 44 2.57 20.39 -17.29
CA ARG B 44 3.07 21.55 -18.03
C ARG B 44 3.70 22.61 -17.15
N HIS B 45 3.41 22.64 -15.85
CA HIS B 45 3.95 23.71 -15.03
C HIS B 45 5.44 23.54 -14.75
N VAL B 46 6.06 22.48 -15.27
CA VAL B 46 7.52 22.45 -15.26
C VAL B 46 8.10 23.66 -16.00
N ILE B 47 7.34 24.27 -16.91
CA ILE B 47 7.89 25.39 -17.69
C ILE B 47 7.74 26.73 -16.97
N CYS B 48 7.21 26.73 -15.75
CA CYS B 48 6.95 27.93 -14.98
C CYS B 48 8.12 28.26 -14.08
N THR B 49 8.50 29.54 -14.08
CA THR B 49 9.30 30.14 -13.04
C THR B 49 8.41 30.46 -11.84
N SER B 50 9.00 31.04 -10.80
CA SER B 50 8.21 31.45 -9.65
C SER B 50 7.42 32.73 -9.94
N GLU B 51 8.04 33.73 -10.56
CA GLU B 51 7.28 34.90 -10.99
C GLU B 51 6.10 34.53 -11.88
N ASP B 52 6.10 33.32 -12.46
CA ASP B 52 5.06 32.90 -13.41
C ASP B 52 3.95 32.06 -12.78
N MET B 53 4.16 31.44 -11.62
CA MET B 53 3.21 30.45 -11.14
C MET B 53 1.92 31.07 -10.63
N LEU B 54 1.90 32.36 -10.26
CA LEU B 54 0.68 32.96 -9.70
C LEU B 54 -0.46 32.88 -10.70
N ASN B 55 -0.19 33.22 -11.96
CA ASN B 55 -1.11 32.90 -13.05
C ASN B 55 -0.33 32.84 -14.35
N PRO B 56 0.10 31.66 -14.77
CA PRO B 56 0.94 31.55 -15.96
C PRO B 56 0.13 31.71 -17.23
N ASN B 57 0.79 32.20 -18.28
CA ASN B 57 0.24 32.12 -19.63
C ASN B 57 1.00 30.98 -20.29
N TYR B 58 0.39 29.79 -20.29
CA TYR B 58 1.09 28.58 -20.70
C TYR B 58 1.37 28.60 -22.19
N GLU B 59 0.43 29.10 -22.99
CA GLU B 59 0.66 29.13 -24.43
C GLU B 59 1.81 30.05 -24.78
N ASP B 60 1.91 31.19 -24.09
CA ASP B 60 3.01 32.11 -24.37
C ASP B 60 4.31 31.63 -23.75
N LEU B 61 4.23 30.91 -22.63
CA LEU B 61 5.43 30.32 -22.03
C LEU B 61 6.03 29.24 -22.93
N LEU B 62 5.18 28.54 -23.67
CA LEU B 62 5.65 27.43 -24.49
C LEU B 62 6.21 27.90 -25.83
N ILE B 63 5.57 28.88 -26.47
CA ILE B 63 6.09 29.41 -27.73
C ILE B 63 7.55 29.78 -27.57
N ARG B 64 7.92 30.28 -26.41
CA ARG B 64 9.30 30.64 -26.14
C ARG B 64 10.20 29.43 -25.89
N LYS B 65 9.65 28.23 -25.77
CA LYS B 65 10.44 27.06 -25.43
C LYS B 65 10.86 26.33 -26.69
N SER B 66 12.05 25.73 -26.64
CA SER B 66 12.54 24.86 -27.69
C SER B 66 12.82 23.47 -27.13
N ASN B 67 12.88 22.50 -28.03
CA ASN B 67 13.21 21.13 -27.63
C ASN B 67 14.44 21.10 -26.75
N HIS B 68 15.42 21.94 -27.07
CA HIS B 68 16.72 21.82 -26.40
C HIS B 68 16.74 22.55 -25.07
N ASN B 69 15.63 23.18 -24.67
CA ASN B 69 15.48 23.67 -23.29
C ASN B 69 15.03 22.60 -22.31
N PHE B 70 14.60 21.43 -22.78
CA PHE B 70 14.04 20.39 -21.92
C PHE B 70 15.11 19.34 -21.59
N LEU B 71 15.42 19.21 -20.30
CA LEU B 71 16.33 18.17 -19.84
C LEU B 71 15.49 17.03 -19.30
N VAL B 72 15.49 15.90 -20.00
CA VAL B 72 14.82 14.70 -19.52
C VAL B 72 15.90 13.69 -19.18
N GLN B 73 15.80 13.08 -18.02
CA GLN B 73 16.77 12.07 -17.60
C GLN B 73 16.10 10.82 -17.06
N ALA B 74 16.58 9.65 -17.48
CA ALA B 74 16.28 8.39 -16.81
C ALA B 74 17.52 8.08 -15.98
N GLY B 75 17.43 8.29 -14.67
CA GLY B 75 18.65 8.23 -13.89
C GLY B 75 19.53 9.44 -14.20
N ASN B 76 20.82 9.19 -14.35
CA ASN B 76 21.72 10.24 -14.84
C ASN B 76 21.84 10.28 -16.35
N VAL B 77 21.11 9.42 -17.08
CA VAL B 77 21.25 9.33 -18.53
C VAL B 77 20.25 10.28 -19.18
N GLN B 78 20.76 11.13 -20.06
CA GLN B 78 19.90 12.07 -20.76
C GLN B 78 19.16 11.43 -21.91
N LEU B 79 17.88 11.78 -22.01
CA LEU B 79 16.99 11.35 -23.09
C LEU B 79 16.73 12.57 -23.97
N ARG B 80 17.26 12.59 -25.18
CA ARG B 80 17.14 13.80 -25.99
C ARG B 80 15.70 14.03 -26.44
N VAL B 81 15.22 15.27 -26.26
CA VAL B 81 13.88 15.69 -26.67
C VAL B 81 13.90 16.12 -28.11
N ILE B 82 13.02 15.53 -28.94
CA ILE B 82 12.95 15.82 -30.37
C ILE B 82 11.63 16.48 -30.77
N GLY B 83 10.73 16.68 -29.84
CA GLY B 83 9.48 17.37 -30.12
C GLY B 83 8.81 17.67 -28.81
N HIS B 84 7.81 18.56 -28.88
CA HIS B 84 7.08 18.94 -27.68
C HIS B 84 5.73 19.53 -28.06
N SER B 85 4.71 19.14 -27.32
CA SER B 85 3.41 19.79 -27.46
C SER B 85 2.78 19.84 -26.09
N MET B 86 1.65 20.55 -26.01
CA MET B 86 0.91 20.68 -24.78
C MET B 86 -0.51 20.23 -25.04
N GLN B 87 -0.96 19.25 -24.24
CA GLN B 87 -2.33 18.73 -24.28
C GLN B 87 -2.98 19.03 -22.93
N ASN B 88 -3.87 20.01 -22.91
CA ASN B 88 -4.49 20.52 -21.70
C ASN B 88 -3.42 20.91 -20.68
N CYS B 89 -3.36 20.23 -19.54
CA CYS B 89 -2.40 20.59 -18.51
C CYS B 89 -1.16 19.68 -18.48
N VAL B 90 -0.96 18.84 -19.48
CA VAL B 90 0.20 17.96 -19.49
CA VAL B 90 0.16 17.91 -19.54
C VAL B 90 1.05 18.29 -20.70
N LEU B 91 2.34 18.06 -20.54
CA LEU B 91 3.33 18.28 -21.59
C LEU B 91 3.66 16.93 -22.20
N LYS B 92 3.68 16.86 -23.50
CA LYS B 92 4.13 15.67 -24.21
C LYS B 92 5.44 15.99 -24.89
N LEU B 93 6.51 15.35 -24.41
CA LEU B 93 7.84 15.49 -24.98
C LEU B 93 8.19 14.22 -25.74
N LYS B 94 8.36 14.36 -27.05
CA LYS B 94 8.79 13.25 -27.88
C LYS B 94 10.29 13.09 -27.72
N VAL B 95 10.74 11.86 -27.48
CA VAL B 95 12.15 11.61 -27.24
C VAL B 95 12.69 10.65 -28.29
N ASP B 96 14.03 10.59 -28.39
CA ASP B 96 14.64 9.84 -29.48
C ASP B 96 14.81 8.36 -29.16
N THR B 97 14.35 7.92 -27.99
CA THR B 97 14.50 6.54 -27.55
C THR B 97 13.14 6.03 -27.06
N ALA B 98 12.75 4.86 -27.55
CA ALA B 98 11.53 4.18 -27.08
C ALA B 98 11.85 3.40 -25.82
N ASN B 99 11.11 3.66 -24.75
CA ASN B 99 11.38 3.02 -23.48
C ASN B 99 11.30 1.50 -23.63
N PRO B 100 12.41 0.79 -23.49
CA PRO B 100 12.36 -0.67 -23.61
C PRO B 100 11.54 -1.33 -22.52
N LYS B 101 11.27 -0.65 -21.41
CA LYS B 101 10.49 -1.22 -20.32
C LYS B 101 9.03 -0.81 -20.38
N THR B 102 8.56 -0.30 -21.51
CA THR B 102 7.19 0.15 -21.67
C THR B 102 6.26 -1.03 -21.49
N PRO B 103 5.36 -1.01 -20.51
CA PRO B 103 4.42 -2.12 -20.35
C PRO B 103 3.30 -2.00 -21.36
N LYS B 104 2.45 -3.03 -21.41
CA LYS B 104 1.12 -2.82 -21.99
C LYS B 104 0.40 -1.80 -21.11
N TYR B 105 -0.24 -0.80 -21.72
CA TYR B 105 -0.86 0.25 -20.92
C TYR B 105 -2.06 0.87 -21.61
N LYS B 106 -2.85 1.59 -20.80
CA LYS B 106 -3.87 2.47 -21.33
C LYS B 106 -4.01 3.67 -20.40
N PHE B 107 -4.67 4.70 -20.92
CA PHE B 107 -4.98 5.91 -20.20
C PHE B 107 -6.47 5.84 -19.90
N VAL B 108 -6.83 5.87 -18.63
CA VAL B 108 -8.24 5.84 -18.27
C VAL B 108 -8.52 6.99 -17.34
N ARG B 109 -9.74 7.50 -17.41
CA ARG B 109 -10.23 8.52 -16.51
C ARG B 109 -11.19 7.82 -15.55
N ILE B 110 -10.87 7.87 -14.26
CA ILE B 110 -11.65 7.11 -13.29
C ILE B 110 -12.77 7.99 -12.78
N GLN B 111 -13.72 7.39 -12.05
CA GLN B 111 -14.85 8.06 -11.41
C GLN B 111 -14.55 8.30 -9.95
N PRO B 112 -15.20 9.29 -9.33
CA PRO B 112 -15.11 9.40 -7.87
C PRO B 112 -15.51 8.08 -7.23
N GLY B 113 -14.79 7.71 -6.18
CA GLY B 113 -14.97 6.46 -5.48
C GLY B 113 -13.95 5.40 -5.84
N GLN B 114 -13.44 5.39 -7.08
CA GLN B 114 -12.49 4.36 -7.51
C GLN B 114 -11.15 4.57 -6.81
N THR B 115 -10.44 3.47 -6.58
CA THR B 115 -9.14 3.48 -5.93
C THR B 115 -8.03 3.24 -6.95
N PHE B 116 -6.82 3.59 -6.56
CA PHE B 116 -5.66 3.37 -7.41
C PHE B 116 -4.43 3.48 -6.53
N SER B 117 -3.33 2.93 -7.04
CA SER B 117 -2.04 3.00 -6.37
C SER B 117 -1.30 4.21 -6.90
N VAL B 118 -0.56 4.89 -6.03
CA VAL B 118 0.28 6.01 -6.42
C VAL B 118 1.73 5.63 -6.15
N LEU B 119 2.60 5.90 -7.13
CA LEU B 119 4.03 5.66 -6.99
C LEU B 119 4.66 7.02 -6.74
N ALA B 120 4.94 7.33 -5.47
CA ALA B 120 5.43 8.65 -5.10
C ALA B 120 6.89 8.73 -5.48
N CYS B 121 7.23 9.64 -6.40
CA CYS B 121 8.60 9.76 -6.91
C CYS B 121 9.16 11.15 -6.65
N TYR B 122 10.47 11.22 -6.46
CA TYR B 122 11.18 12.48 -6.33
C TYR B 122 12.41 12.41 -7.23
N ASN B 123 12.54 13.41 -8.11
CA ASN B 123 13.66 13.49 -9.04
C ASN B 123 13.78 12.20 -9.87
N GLY B 124 12.63 11.62 -10.18
CA GLY B 124 12.55 10.43 -10.99
C GLY B 124 12.79 9.14 -10.23
N SER B 125 13.11 9.21 -8.91
CA SER B 125 13.37 7.99 -8.16
C SER B 125 12.14 7.61 -7.34
N PRO B 126 11.67 6.37 -7.47
CA PRO B 126 10.56 5.94 -6.64
C PRO B 126 10.92 5.99 -5.17
N SER B 127 10.01 6.56 -4.40
CA SER B 127 10.07 6.65 -2.95
C SER B 127 9.18 5.62 -2.26
N GLY B 128 7.98 5.40 -2.77
CA GLY B 128 7.02 4.56 -2.07
C GLY B 128 5.76 4.43 -2.88
N VAL B 129 4.98 3.42 -2.52
CA VAL B 129 3.72 3.12 -3.22
C VAL B 129 2.63 2.97 -2.17
N TYR B 130 1.43 3.41 -2.51
CA TYR B 130 0.33 3.36 -1.56
C TYR B 130 -0.97 3.46 -2.33
N GLN B 131 -2.06 3.22 -1.63
CA GLN B 131 -3.38 3.14 -2.23
C GLN B 131 -4.15 4.40 -1.85
N CYS B 132 -4.72 5.07 -2.86
CA CYS B 132 -5.50 6.28 -2.67
C CYS B 132 -6.92 6.02 -3.15
N ALA B 133 -7.87 6.74 -2.58
CA ALA B 133 -9.20 6.80 -3.14
C ALA B 133 -9.47 8.21 -3.66
N MET B 134 -9.98 8.29 -4.87
CA MET B 134 -10.49 9.55 -5.42
C MET B 134 -11.76 9.93 -4.65
N ARG B 135 -11.71 11.03 -3.89
CA ARG B 135 -12.88 11.49 -3.14
C ARG B 135 -13.95 12.05 -4.08
N PRO B 136 -15.20 12.13 -3.61
CA PRO B 136 -16.28 12.63 -4.48
C PRO B 136 -16.13 14.09 -4.83
N ASN B 137 -15.38 14.88 -4.04
CA ASN B 137 -15.01 16.24 -4.39
C ASN B 137 -13.75 16.30 -5.28
N PHE B 138 -13.30 15.16 -5.82
CA PHE B 138 -12.27 15.10 -6.88
C PHE B 138 -10.89 15.47 -6.37
N THR B 139 -10.64 15.15 -5.12
CA THR B 139 -9.35 15.30 -4.48
C THR B 139 -8.95 13.94 -3.94
N ILE B 140 -7.67 13.79 -3.62
CA ILE B 140 -7.17 12.55 -3.02
C ILE B 140 -6.41 12.93 -1.77
N LYS B 141 -6.47 12.04 -0.77
CA LYS B 141 -5.77 12.24 0.50
C LYS B 141 -4.43 11.54 0.37
N GLY B 142 -3.48 12.26 -0.20
CA GLY B 142 -2.22 11.70 -0.61
C GLY B 142 -1.14 11.90 0.43
N SER B 143 0.08 11.63 0.00
CA SER B 143 1.30 11.86 0.78
C SER B 143 2.33 12.34 -0.25
N PHE B 144 2.31 13.64 -0.50
CA PHE B 144 3.16 14.24 -1.52
C PHE B 144 3.93 15.42 -0.92
N LEU B 145 5.21 15.48 -1.21
CA LEU B 145 6.05 16.59 -0.83
C LEU B 145 6.41 17.38 -2.10
N ASN B 146 7.19 18.43 -1.91
CA ASN B 146 7.70 19.16 -3.06
C ASN B 146 8.52 18.22 -3.93
N GLY B 147 8.50 18.48 -5.24
CA GLY B 147 9.20 17.67 -6.19
C GLY B 147 8.48 16.39 -6.56
N SER B 148 7.32 16.13 -5.96
CA SER B 148 6.53 14.94 -6.24
C SER B 148 5.65 15.06 -7.48
N CYS B 149 5.50 16.24 -8.06
CA CYS B 149 4.63 16.37 -9.22
C CYS B 149 5.10 15.50 -10.37
N GLY B 150 4.14 15.09 -11.19
CA GLY B 150 4.34 14.09 -12.20
C GLY B 150 4.28 12.65 -11.71
N SER B 151 4.29 12.40 -10.41
CA SER B 151 3.95 11.06 -9.91
C SER B 151 2.59 10.63 -10.46
N VAL B 152 2.41 9.32 -10.69
CA VAL B 152 1.17 8.85 -11.33
C VAL B 152 0.47 7.82 -10.45
N GLY B 153 -0.83 7.70 -10.72
CA GLY B 153 -1.67 6.70 -10.09
C GLY B 153 -2.14 5.75 -11.17
N PHE B 154 -2.24 4.47 -10.82
CA PHE B 154 -2.51 3.43 -11.79
C PHE B 154 -3.24 2.28 -11.12
N ASN B 155 -3.94 1.51 -11.95
CA ASN B 155 -4.38 0.15 -11.62
C ASN B 155 -3.80 -0.80 -12.66
N ILE B 156 -3.55 -2.06 -12.26
CA ILE B 156 -3.04 -3.10 -13.16
C ILE B 156 -4.11 -4.17 -13.32
N ASP B 157 -4.49 -4.44 -14.58
CA ASP B 157 -5.42 -5.52 -14.95
C ASP B 157 -4.67 -6.49 -15.87
N TYR B 158 -4.45 -7.70 -15.39
CA TYR B 158 -3.66 -8.71 -16.12
C TYR B 158 -2.27 -8.14 -16.35
N ASP B 159 -1.80 -8.03 -17.59
CA ASP B 159 -0.47 -7.49 -17.85
C ASP B 159 -0.50 -6.01 -18.17
N CYS B 160 -1.65 -5.34 -18.00
CA CYS B 160 -1.90 -4.02 -18.56
C CYS B 160 -2.01 -3.00 -17.43
N VAL B 161 -1.12 -1.99 -17.47
CA VAL B 161 -1.21 -0.84 -16.56
C VAL B 161 -2.20 0.16 -17.13
N SER B 162 -3.23 0.49 -16.36
CA SER B 162 -4.13 1.59 -16.67
C SER B 162 -3.68 2.81 -15.87
N PHE B 163 -3.21 3.83 -16.56
CA PHE B 163 -2.82 5.07 -15.90
C PHE B 163 -4.02 5.99 -15.78
N CYS B 164 -4.29 6.47 -14.56
CA CYS B 164 -5.48 7.28 -14.32
C CYS B 164 -5.22 8.64 -13.70
N TYR B 165 -4.06 8.89 -13.11
CA TYR B 165 -3.79 10.11 -12.35
C TYR B 165 -2.35 10.55 -12.50
N MET B 166 -2.16 11.86 -12.69
CA MET B 166 -0.87 12.52 -12.59
C MET B 166 -0.98 13.70 -11.61
N HIS B 167 0.02 13.82 -10.75
CA HIS B 167 -0.05 14.73 -9.62
C HIS B 167 0.41 16.13 -10.02
N HIS B 168 -0.34 17.15 -9.60
CA HIS B 168 0.01 18.52 -9.91
C HIS B 168 0.06 19.45 -8.69
N MET B 169 -0.77 19.24 -7.67
CA MET B 169 -0.81 20.26 -6.62
C MET B 169 -1.48 19.81 -5.32
N GLU B 170 -1.30 20.65 -4.30
CA GLU B 170 -1.88 20.50 -2.97
C GLU B 170 -2.77 21.69 -2.66
N LEU B 171 -3.85 21.43 -1.99
CA LEU B 171 -4.82 22.47 -1.68
C LEU B 171 -4.63 22.98 -0.26
N PRO B 172 -5.18 24.17 0.05
CA PRO B 172 -5.17 24.67 1.42
C PRO B 172 -5.42 23.63 2.50
N THR B 173 -6.42 22.76 2.31
CA THR B 173 -6.81 21.79 3.33
C THR B 173 -5.90 20.55 3.39
N GLY B 174 -4.77 20.54 2.68
CA GLY B 174 -3.83 19.44 2.76
C GLY B 174 -4.06 18.29 1.80
N VAL B 175 -5.22 18.26 1.11
CA VAL B 175 -5.51 17.25 0.11
C VAL B 175 -4.87 17.64 -1.21
N HIS B 176 -4.99 16.76 -2.21
CA HIS B 176 -4.22 16.88 -3.43
C HIS B 176 -5.13 16.77 -4.65
N ALA B 177 -4.69 17.38 -5.74
CA ALA B 177 -5.44 17.42 -6.98
C ALA B 177 -4.48 17.25 -8.15
N GLY B 178 -5.00 16.73 -9.24
CA GLY B 178 -4.18 16.39 -10.38
C GLY B 178 -5.06 16.09 -11.56
N THR B 179 -4.46 15.46 -12.57
CA THR B 179 -5.14 15.26 -13.83
C THR B 179 -5.16 13.81 -14.21
N ASP B 180 -5.91 13.52 -15.27
CA ASP B 180 -5.73 12.27 -15.99
C ASP B 180 -4.50 12.40 -16.89
N LEU B 181 -4.18 11.35 -17.64
CA LEU B 181 -3.00 11.37 -18.50
C LEU B 181 -3.26 12.05 -19.82
N GLU B 182 -4.46 12.59 -20.02
CA GLU B 182 -4.75 13.45 -21.14
C GLU B 182 -4.71 14.92 -20.72
N GLY B 183 -4.36 15.20 -19.47
CA GLY B 183 -4.16 16.55 -19.01
C GLY B 183 -5.39 17.23 -18.46
N ASN B 184 -6.51 16.52 -18.37
CA ASN B 184 -7.75 17.14 -17.88
C ASN B 184 -7.87 16.95 -16.37
N PHE B 185 -7.96 18.05 -15.66
CA PHE B 185 -8.04 17.98 -14.21
C PHE B 185 -9.25 17.16 -13.79
N TYR B 186 -9.08 16.47 -12.68
CA TYR B 186 -10.22 15.94 -11.95
C TYR B 186 -10.78 17.07 -11.10
N GLY B 187 -12.05 17.36 -11.27
CA GLY B 187 -12.65 18.40 -10.46
C GLY B 187 -12.42 19.78 -11.05
N PRO B 188 -12.82 20.81 -10.31
CA PRO B 188 -12.84 22.17 -10.86
C PRO B 188 -11.50 22.91 -10.83
N PHE B 189 -10.39 22.25 -10.52
CA PHE B 189 -9.15 22.93 -10.19
C PHE B 189 -8.38 23.31 -11.46
N VAL B 190 -7.45 24.26 -11.30
CA VAL B 190 -6.56 24.73 -12.37
C VAL B 190 -5.12 24.68 -11.85
N ASP B 191 -4.17 24.58 -12.81
CA ASP B 191 -2.74 24.52 -12.44
C ASP B 191 -2.18 25.93 -12.34
N ARG B 192 -2.53 26.57 -11.22
CA ARG B 192 -2.08 27.90 -10.84
C ARG B 192 -1.85 27.94 -9.35
N GLN B 193 -0.86 28.72 -8.94
CA GLN B 193 -0.49 28.82 -7.54
C GLN B 193 -1.46 29.76 -6.84
N THR B 194 -2.76 29.48 -6.94
CA THR B 194 -3.81 30.32 -6.39
C THR B 194 -4.59 29.54 -5.33
N ALA B 195 -5.33 30.29 -4.52
CA ALA B 195 -6.16 29.69 -3.48
C ALA B 195 -7.33 28.98 -4.13
N GLN B 196 -7.52 27.71 -3.80
CA GLN B 196 -8.63 26.95 -4.33
C GLN B 196 -9.10 26.00 -3.26
N ALA B 197 -10.42 25.92 -3.08
CA ALA B 197 -11.02 25.08 -2.06
C ALA B 197 -11.82 24.00 -2.76
N ALA B 198 -11.73 22.78 -2.27
CA ALA B 198 -12.57 21.73 -2.79
C ALA B 198 -13.96 21.82 -2.17
N GLY B 199 -14.97 21.43 -2.94
CA GLY B 199 -16.30 21.29 -2.38
C GLY B 199 -16.29 20.40 -1.16
N THR B 200 -17.41 20.38 -0.46
CA THR B 200 -17.51 19.55 0.73
C THR B 200 -17.41 18.07 0.35
N ASP B 201 -16.54 17.36 1.05
CA ASP B 201 -16.39 15.93 0.82
C ASP B 201 -17.60 15.20 1.37
N THR B 202 -17.96 14.10 0.70
CA THR B 202 -19.02 13.21 1.13
C THR B 202 -18.45 11.80 1.24
N THR B 203 -19.24 10.92 1.84
CA THR B 203 -18.84 9.53 2.03
C THR B 203 -19.16 8.71 0.79
N ILE B 204 -18.21 7.84 0.42
CA ILE B 204 -18.33 7.04 -0.80
C ILE B 204 -19.24 5.84 -0.55
N THR B 205 -20.51 6.00 -0.86
CA THR B 205 -21.53 5.02 -0.52
C THR B 205 -21.25 3.66 -1.13
N VAL B 206 -20.98 3.62 -2.44
CA VAL B 206 -20.71 2.34 -3.08
C VAL B 206 -19.65 1.55 -2.32
N ASN B 207 -18.64 2.23 -1.81
CA ASN B 207 -17.60 1.54 -1.07
C ASN B 207 -18.04 1.14 0.33
N VAL B 208 -18.90 1.94 0.98
CA VAL B 208 -19.44 1.49 2.25
C VAL B 208 -20.18 0.18 2.05
N LEU B 209 -20.96 0.11 0.97
CA LEU B 209 -21.74 -1.08 0.69
C LEU B 209 -20.82 -2.28 0.41
N ALA B 210 -19.76 -2.07 -0.35
CA ALA B 210 -18.79 -3.14 -0.61
C ALA B 210 -18.25 -3.70 0.68
N TRP B 211 -17.97 -2.80 1.63
CA TRP B 211 -17.46 -3.15 2.94
C TRP B 211 -18.49 -3.96 3.74
N LEU B 212 -19.76 -3.60 3.67
CA LEU B 212 -20.79 -4.41 4.32
C LEU B 212 -20.85 -5.81 3.71
N TYR B 213 -20.91 -5.88 2.38
CA TYR B 213 -20.77 -7.18 1.71
C TYR B 213 -19.55 -7.93 2.25
N ALA B 214 -18.42 -7.23 2.38
CA ALA B 214 -17.22 -7.87 2.91
C ALA B 214 -17.46 -8.43 4.30
N ALA B 215 -18.19 -7.71 5.13
CA ALA B 215 -18.44 -8.22 6.47
C ALA B 215 -19.35 -9.45 6.41
N VAL B 216 -20.36 -9.42 5.55
CA VAL B 216 -21.23 -10.59 5.42
C VAL B 216 -20.43 -11.82 4.99
N ILE B 217 -19.56 -11.65 3.98
CA ILE B 217 -18.74 -12.75 3.48
C ILE B 217 -17.92 -13.38 4.61
N ASN B 218 -17.46 -12.57 5.56
CA ASN B 218 -16.70 -13.06 6.70
C ASN B 218 -17.56 -13.46 7.87
N GLY B 219 -18.88 -13.54 7.69
CA GLY B 219 -19.78 -14.05 8.72
C GLY B 219 -20.33 -13.01 9.68
N ASP B 220 -20.07 -11.75 9.44
CA ASP B 220 -20.53 -10.66 10.32
C ASP B 220 -21.75 -10.05 9.65
N ARG B 221 -22.96 -10.44 10.10
CA ARG B 221 -24.16 -10.07 9.35
C ARG B 221 -25.30 -9.62 10.25
N TRP B 222 -25.01 -9.15 11.46
CA TRP B 222 -26.10 -8.74 12.34
C TRP B 222 -26.93 -7.61 11.76
N PHE B 223 -26.39 -6.84 10.81
CA PHE B 223 -27.03 -5.61 10.36
C PHE B 223 -27.99 -5.81 9.19
N LEU B 224 -28.08 -7.01 8.62
CA LEU B 224 -29.06 -7.27 7.56
C LEU B 224 -30.47 -7.26 8.17
N ASN B 225 -31.40 -6.61 7.46
CA ASN B 225 -32.81 -6.58 7.87
C ASN B 225 -33.67 -7.26 6.81
N ARG B 226 -34.97 -7.36 7.09
CA ARG B 226 -35.91 -8.05 6.23
C ARG B 226 -36.45 -7.20 5.08
N PHE B 227 -35.96 -5.97 4.92
CA PHE B 227 -36.60 -5.00 4.05
C PHE B 227 -35.70 -4.55 2.91
N THR B 228 -36.32 -3.85 1.95
CA THR B 228 -35.63 -3.31 0.78
C THR B 228 -36.05 -1.86 0.59
N THR B 229 -35.60 -1.25 -0.49
CA THR B 229 -35.83 0.17 -0.73
C THR B 229 -35.69 0.43 -2.21
N THR B 230 -36.27 1.54 -2.67
CA THR B 230 -35.97 1.99 -4.01
C THR B 230 -34.63 2.71 -4.01
N LEU B 231 -33.99 2.72 -5.17
CA LEU B 231 -32.74 3.46 -5.32
C LEU B 231 -32.95 4.95 -5.11
N ASN B 232 -34.08 5.48 -5.58
CA ASN B 232 -34.33 6.91 -5.36
C ASN B 232 -34.53 7.22 -3.88
N ASP B 233 -35.36 6.44 -3.18
CA ASP B 233 -35.54 6.69 -1.75
C ASP B 233 -34.24 6.55 -0.98
N PHE B 234 -33.44 5.52 -1.27
CA PHE B 234 -32.13 5.45 -0.62
C PHE B 234 -31.29 6.70 -0.91
N ASN B 235 -31.21 7.10 -2.18
CA ASN B 235 -30.38 8.27 -2.53
C ASN B 235 -30.81 9.53 -1.80
N LEU B 236 -32.12 9.79 -1.71
CA LEU B 236 -32.56 11.01 -1.04
C LEU B 236 -32.21 10.98 0.45
N VAL B 237 -32.30 9.81 1.08
CA VAL B 237 -31.94 9.73 2.49
C VAL B 237 -30.43 9.79 2.64
N ALA B 238 -29.71 9.15 1.73
CA ALA B 238 -28.24 9.20 1.75
C ALA B 238 -27.74 10.63 1.74
N MET B 239 -28.29 11.48 0.87
CA MET B 239 -27.75 12.84 0.79
C MET B 239 -27.90 13.57 2.12
N LYS B 240 -28.91 13.22 2.93
CA LYS B 240 -29.15 13.92 4.20
C LYS B 240 -28.09 13.57 5.24
N TYR B 241 -27.35 12.49 5.02
CA TYR B 241 -26.26 12.07 5.91
C TYR B 241 -24.89 12.29 5.26
N ASN B 242 -24.83 13.13 4.23
CA ASN B 242 -23.58 13.49 3.55
C ASN B 242 -22.91 12.27 2.92
N TYR B 243 -23.73 11.33 2.44
CA TYR B 243 -23.30 10.20 1.61
C TYR B 243 -23.51 10.52 0.14
N GLU B 244 -22.67 9.95 -0.73
CA GLU B 244 -22.89 10.12 -2.16
C GLU B 244 -24.14 9.36 -2.60
N PRO B 245 -24.98 9.93 -3.45
CA PRO B 245 -26.00 9.11 -4.12
C PRO B 245 -25.34 8.04 -4.98
N LEU B 246 -26.06 6.94 -5.16
CA LEU B 246 -25.60 5.86 -6.02
C LEU B 246 -25.99 6.12 -7.47
N THR B 247 -25.09 5.75 -8.37
CA THR B 247 -25.33 5.75 -9.80
C THR B 247 -25.71 4.33 -10.23
N GLN B 248 -26.15 4.22 -11.48
CA GLN B 248 -26.38 2.89 -12.04
C GLN B 248 -25.08 2.11 -12.17
N ASP B 249 -23.95 2.78 -12.44
CA ASP B 249 -22.69 2.07 -12.50
C ASP B 249 -22.31 1.49 -11.14
N HIS B 250 -22.51 2.26 -10.08
CA HIS B 250 -22.27 1.75 -8.73
C HIS B 250 -23.08 0.48 -8.47
N VAL B 251 -24.35 0.51 -8.86
CA VAL B 251 -25.17 -0.66 -8.64
C VAL B 251 -24.59 -1.83 -9.39
N ASP B 252 -24.08 -1.58 -10.60
CA ASP B 252 -23.56 -2.68 -11.44
C ASP B 252 -22.25 -3.23 -10.90
N ILE B 253 -21.33 -2.37 -10.45
CA ILE B 253 -20.10 -2.92 -9.91
C ILE B 253 -20.29 -3.62 -8.57
N LEU B 254 -21.45 -3.45 -7.91
CA LEU B 254 -21.76 -4.26 -6.74
C LEU B 254 -22.31 -5.64 -7.09
N GLY B 255 -22.56 -5.91 -8.37
CA GLY B 255 -23.11 -7.18 -8.81
C GLY B 255 -22.41 -8.41 -8.25
N PRO B 256 -21.12 -8.55 -8.55
CA PRO B 256 -20.40 -9.76 -8.09
C PRO B 256 -20.56 -10.02 -6.61
N LEU B 257 -20.43 -9.00 -5.76
CA LEU B 257 -20.59 -9.19 -4.33
C LEU B 257 -22.03 -9.56 -3.99
N SER B 258 -22.99 -8.97 -4.70
CA SER B 258 -24.39 -9.34 -4.53
C SER B 258 -24.62 -10.81 -4.89
N ALA B 259 -23.99 -11.25 -5.98
CA ALA B 259 -24.09 -12.64 -6.40
C ALA B 259 -23.40 -13.55 -5.40
N GLN B 260 -22.23 -13.14 -4.91
CA GLN B 260 -21.48 -13.97 -3.97
C GLN B 260 -22.28 -14.19 -2.69
N THR B 261 -23.02 -13.18 -2.23
CA THR B 261 -23.73 -13.26 -0.96
C THR B 261 -25.22 -13.61 -1.07
N GLY B 262 -25.81 -13.49 -2.26
CA GLY B 262 -27.24 -13.66 -2.39
C GLY B 262 -28.05 -12.55 -1.73
N ILE B 263 -27.46 -11.38 -1.54
CA ILE B 263 -28.11 -10.23 -0.93
C ILE B 263 -28.23 -9.17 -2.02
N ALA B 264 -29.46 -8.86 -2.41
CA ALA B 264 -29.64 -7.89 -3.48
C ALA B 264 -29.10 -6.53 -3.07
N VAL B 265 -28.65 -5.78 -4.06
CA VAL B 265 -28.03 -4.50 -3.78
C VAL B 265 -28.98 -3.61 -2.99
N LEU B 266 -30.26 -3.57 -3.37
CA LEU B 266 -31.18 -2.64 -2.72
C LEU B 266 -31.56 -3.10 -1.32
N ASP B 267 -31.46 -4.41 -1.06
CA ASP B 267 -31.57 -4.91 0.30
C ASP B 267 -30.41 -4.42 1.16
N MET B 268 -29.18 -4.51 0.63
CA MET B 268 -28.07 -3.96 1.37
C MET B 268 -28.23 -2.46 1.55
N CYS B 269 -28.78 -1.74 0.55
CA CYS B 269 -29.06 -0.31 0.76
C CYS B 269 -30.03 -0.08 1.93
N ALA B 270 -31.07 -0.91 2.05
CA ALA B 270 -32.00 -0.75 3.17
C ALA B 270 -31.31 -1.01 4.50
N SER B 271 -30.40 -1.99 4.53
CA SER B 271 -29.63 -2.21 5.75
C SER B 271 -28.75 -1.01 6.11
N LEU B 272 -28.09 -0.42 5.12
CA LEU B 272 -27.30 0.79 5.39
C LEU B 272 -28.20 1.93 5.84
N LYS B 273 -29.31 2.15 5.12
CA LYS B 273 -30.23 3.21 5.53
C LYS B 273 -30.56 3.10 7.02
N GLU B 274 -30.85 1.88 7.49
CA GLU B 274 -31.17 1.72 8.91
C GLU B 274 -29.95 2.01 9.79
N LEU B 275 -28.73 1.65 9.35
CA LEU B 275 -27.57 2.01 10.15
C LEU B 275 -27.42 3.54 10.25
N LEU B 276 -27.64 4.23 9.13
CA LEU B 276 -27.53 5.69 9.13
C LEU B 276 -28.57 6.34 10.03
N GLN B 277 -29.79 5.79 10.05
CA GLN B 277 -30.86 6.40 10.83
C GLN B 277 -30.74 6.07 12.32
N ASN B 278 -30.42 4.81 12.66
CA ASN B 278 -30.36 4.40 14.06
C ASN B 278 -28.95 4.35 14.62
N GLY B 279 -27.92 4.33 13.80
CA GLY B 279 -26.57 4.20 14.31
C GLY B 279 -26.24 2.76 14.69
N MET B 280 -25.00 2.58 15.13
CA MET B 280 -24.51 1.25 15.44
C MET B 280 -25.12 0.69 16.73
N ASN B 281 -25.52 1.56 17.65
CA ASN B 281 -26.01 1.10 18.95
C ASN B 281 -24.91 0.32 19.68
N GLY B 282 -23.69 0.85 19.65
CA GLY B 282 -22.59 0.23 20.35
C GLY B 282 -21.98 -0.98 19.69
N ARG B 283 -22.31 -1.22 18.43
CA ARG B 283 -21.93 -2.45 17.76
C ARG B 283 -20.83 -2.17 16.73
N THR B 284 -20.09 -3.24 16.40
CA THR B 284 -18.99 -3.15 15.47
C THR B 284 -19.24 -4.04 14.26
N ILE B 285 -18.52 -3.72 13.18
CA ILE B 285 -18.59 -4.41 11.90
C ILE B 285 -17.17 -4.59 11.40
N LEU B 286 -16.74 -5.83 11.21
CA LEU B 286 -15.35 -6.14 10.86
C LEU B 286 -14.36 -5.57 11.88
N GLY B 287 -14.79 -5.47 13.13
CA GLY B 287 -13.93 -4.96 14.18
C GLY B 287 -13.74 -3.46 14.06
N SER B 288 -14.84 -2.71 14.03
CA SER B 288 -14.77 -1.28 13.80
C SER B 288 -16.16 -0.69 13.95
N ALA B 289 -16.24 0.46 14.61
CA ALA B 289 -17.49 1.20 14.72
C ALA B 289 -17.64 2.25 13.65
N LEU B 290 -16.59 2.50 12.89
CA LEU B 290 -16.65 3.38 11.73
C LEU B 290 -16.91 2.53 10.49
N LEU B 291 -17.75 3.04 9.60
CA LEU B 291 -17.94 2.44 8.30
C LEU B 291 -16.79 2.87 7.38
N GLU B 292 -16.10 1.90 6.80
CA GLU B 292 -14.94 2.20 5.96
C GLU B 292 -15.40 2.51 4.54
N ASP B 293 -14.88 3.58 3.92
CA ASP B 293 -15.31 3.96 2.58
C ASP B 293 -14.21 4.01 1.52
N GLU B 294 -13.02 3.49 1.79
CA GLU B 294 -11.97 3.52 0.77
C GLU B 294 -11.61 2.14 0.22
N PHE B 295 -12.51 1.15 0.31
CA PHE B 295 -12.35 -0.14 -0.36
C PHE B 295 -13.46 -0.34 -1.38
N THR B 296 -13.08 -0.45 -2.66
CA THR B 296 -14.02 -0.66 -3.73
C THR B 296 -14.48 -2.12 -3.75
N PRO B 297 -15.53 -2.44 -4.50
CA PRO B 297 -15.91 -3.84 -4.64
C PRO B 297 -14.81 -4.69 -5.28
N PHE B 298 -14.02 -4.11 -6.19
CA PHE B 298 -12.86 -4.82 -6.72
C PHE B 298 -11.83 -5.09 -5.63
N ASP B 299 -11.60 -4.12 -4.74
CA ASP B 299 -10.67 -4.32 -3.63
C ASP B 299 -11.16 -5.41 -2.67
N VAL B 300 -12.46 -5.43 -2.38
CA VAL B 300 -13.01 -6.44 -1.48
C VAL B 300 -12.75 -7.83 -2.03
N VAL B 301 -12.88 -7.98 -3.35
CA VAL B 301 -12.65 -9.29 -3.95
C VAL B 301 -11.16 -9.66 -3.91
N ARG B 302 -10.29 -8.75 -4.36
CA ARG B 302 -8.84 -8.96 -4.34
C ARG B 302 -8.35 -9.58 -3.02
N GLN B 303 -8.96 -9.19 -1.89
CA GLN B 303 -8.48 -9.61 -0.57
C GLN B 303 -9.30 -10.72 0.06
N CYS B 304 -10.50 -10.99 -0.44
CA CYS B 304 -11.32 -12.09 0.03
C CYS B 304 -11.14 -13.33 -0.83
N SER B 305 -11.10 -13.15 -2.14
CA SER B 305 -11.09 -14.25 -3.09
C SER B 305 -9.83 -14.16 -3.96
C11 YLD C . -0.12 -21.53 2.56
C12 YLD C . -0.78 -20.09 2.79
C13 YLD C . -1.68 -19.92 4.04
C14 YLD C . -2.24 -18.50 4.37
C02 YLD C . -1.80 -23.05 7.00
C04 YLD C . 0.30 -23.91 5.86
C05 YLD C . 1.06 -25.18 5.48
C06 YLD C . 1.77 -25.93 6.62
C07 YLD C . 2.44 -27.29 6.18
C08 YLD C . 2.76 -24.99 7.33
C09 YLD C . -0.22 -23.24 4.53
C16 YLD C . -4.11 -19.73 3.55
C17 YLD C . -2.97 -20.74 3.86
C19 YLD C . 1.09 -21.49 1.60
C23 YLD C . -2.74 -23.40 9.26
C24 YLD C . -3.90 -24.05 10.10
C25 YLD C . -3.87 -25.39 10.47
C26 YLD C . -4.91 -25.99 11.24
C28 YLD C . -6.02 -25.22 11.65
C29 YLD C . -6.07 -23.86 11.30
C30 YLD C . -5.03 -23.29 10.55
F27 YLD C . -4.84 -27.25 11.54
N03 YLD C . -0.85 -24.10 6.77
N10 YLD C . 0.35 -22.16 3.85
N15 YLD C . -3.65 -18.44 4.07
O01 YLD C . -1.68 -21.97 6.54
O18 YLD C . -1.58 -17.62 4.80
O20 YLD C . 1.47 -22.81 1.27
O21 YLD C . -1.25 -23.75 4.08
O22 YLD C . -2.94 -23.33 7.82
C11 YLJ D . -0.14 -21.52 2.62
C16 YLJ D . -4.29 -19.69 3.65
C17 YLJ D . -3.10 -20.71 3.66
O18 YLJ D . -1.64 -17.66 4.79
C23 YLJ D . -2.74 -23.41 9.26
C24 YLJ D . -3.91 -24.05 10.11
C29 YLJ D . -6.07 -23.86 11.30
C28 YLJ D . -6.02 -25.22 11.65
C26 YLJ D . -4.91 -25.99 11.23
C25 YLJ D . -3.87 -25.40 10.46
C02 YLJ D . -1.81 -23.06 7.01
C04 YLJ D . 0.31 -23.92 5.88
C05 YLJ D . 1.06 -25.20 5.48
C06 YLJ D . 1.78 -25.96 6.62
C07 YLJ D . 2.46 -27.29 6.16
C08 YLJ D . 2.76 -25.01 7.33
C09 YLJ D . -0.21 -23.24 4.55
C12 YLJ D . -0.79 -20.08 2.86
C13 YLJ D . -1.82 -19.94 4.02
C14 YLJ D . -2.33 -18.52 4.38
C19 YLJ D . 1.04 -21.46 1.62
C30 YLJ D . -5.02 -23.30 10.55
F27 YLJ D . -4.85 -27.25 11.55
N03 YLJ D . -0.83 -24.11 6.79
N10 YLJ D . 0.35 -22.16 3.89
N15 YLJ D . -3.76 -18.44 4.16
O01 YLJ D . -1.68 -21.99 6.53
O20 YLJ D . 0.66 -20.71 0.50
O21 YLJ D . -1.25 -23.75 4.11
O22 YLJ D . -2.94 -23.35 7.83
C11 YLJ E . 4.18 20.43 -6.54
C16 YLJ E . 4.05 20.14 -2.16
C17 YLJ E . 3.63 20.95 -3.42
O18 YLJ E . 1.31 18.30 -3.37
C23 YLJ E . -1.00 25.45 -3.85
C02 YLJ E . 0.65 23.85 -4.93
C04 YLJ E . 1.77 23.61 -7.21
C05 YLJ E . 2.28 24.37 -8.46
C06 YLJ E . 1.22 25.14 -9.30
C07 YLJ E . 1.78 25.78 -10.58
C08 YLJ E . 0.04 24.21 -9.65
C09 YLJ E . 2.93 22.67 -6.74
C12 YLJ E . 3.72 19.40 -5.39
C13 YLJ E . 2.81 19.98 -4.30
C14 YLJ E . 2.22 19.02 -3.19
C19 YLJ E . 4.77 19.74 -7.79
N03 YLJ E . 1.32 24.44 -6.05
N10 YLJ E . 3.05 21.30 -6.96
N15 YLJ E . 2.97 19.16 -1.97
O01 YLJ E . 0.41 22.69 -4.90
O20 YLJ E . 5.81 18.89 -7.39
O21 YLJ E . 3.81 23.24 -6.09
O22 YLJ E . 0.24 24.68 -3.82
C11 YLD F . 4.27 20.31 -6.51
C12 YLD F . 3.77 19.33 -5.35
C13 YLD F . 2.82 19.95 -4.28
C14 YLD F . 2.21 19.02 -3.16
C02 YLD F . 0.69 23.83 -4.98
C04 YLD F . 1.84 23.53 -7.22
C05 YLD F . 2.35 24.27 -8.50
C06 YLD F . 1.30 25.11 -9.27
C07 YLD F . 1.82 25.77 -10.55
C08 YLD F . 0.06 24.26 -9.59
C09 YLD F . 3.01 22.58 -6.72
C16 YLD F . 4.04 20.15 -2.15
C17 YLD F . 3.63 20.94 -3.43
C19 YLD F . 4.84 19.56 -7.73
C23 YLD F . -0.97 25.41 -3.90
N03 YLD F . 1.39 24.39 -6.10
N10 YLD F . 3.15 21.20 -6.97
N15 YLD F . 2.96 19.19 -1.94
O01 YLD F . 0.42 22.68 -4.94
O18 YLD F . 1.29 18.31 -3.33
O20 YLD F . 5.54 20.44 -8.58
O21 YLD F . 3.86 23.15 -6.05
O22 YLD F . 0.30 24.70 -3.90
#